data_2UZK
#
_entry.id   2UZK
#
_cell.length_a   41.964
_cell.length_b   41.964
_cell.length_c   354.817
_cell.angle_alpha   90.00
_cell.angle_beta   90.00
_cell.angle_gamma   120.00
#
_symmetry.space_group_name_H-M   'P 61'
#
loop_
_entity.id
_entity.type
_entity.pdbx_description
1 polymer 'FORKHEAD BOX PROTEIN O3A'
2 polymer "5'-D(*CP*TP*AP*TP*GP*TP*AP*AP*AP*CP*AP*AP*C)-3'"
3 polymer "5'-D(*GP*TP*TP*GP*TP*TP*TP*AP*CP*AP*TP*AP*G)-3'"
4 water water
#
loop_
_entity_poly.entity_id
_entity_poly.type
_entity_poly.pdbx_seq_one_letter_code
_entity_poly.pdbx_strand_id
1 'polypeptide(L)'
;MGNLSYADLITRAIESSPDKRLTLSQIYEWMVRCVPYFKDKGDSNSSAGWKNSIRHNLSLHSRFMRVQNEGTGKSSWWII
NPDGGKSGKAPRRRAVS
;
A,C
2 'polydeoxyribonucleotide' (DC)(DT)(DA)(DT)(DG)(DT)(DA)(DA)(DA)(DC)(DA)(DA)(DC) B,D
3 'polydeoxyribonucleotide' (DG)(DT)(DT)(DG)(DT)(DT)(DT)(DA)(DC)(DA)(DT)(DA)(DG) E,F
#
# COMPACT_ATOMS: atom_id res chain seq x y z
N MET A 1 -19.95 19.70 -5.86
CA MET A 1 -19.22 18.93 -6.89
C MET A 1 -19.44 19.49 -8.31
N GLY A 2 -18.40 20.07 -8.89
CA GLY A 2 -18.51 20.56 -10.25
C GLY A 2 -18.77 19.36 -11.13
N ASN A 3 -17.68 18.67 -11.53
CA ASN A 3 -17.85 17.45 -12.33
C ASN A 3 -17.76 16.16 -11.63
N LEU A 4 -16.77 15.92 -10.78
CA LEU A 4 -16.63 14.58 -10.22
C LEU A 4 -17.30 14.05 -8.96
N SER A 5 -17.16 12.74 -8.79
CA SER A 5 -17.75 11.97 -7.69
C SER A 5 -16.85 11.73 -6.49
N TYR A 6 -17.48 11.34 -5.39
CA TYR A 6 -16.76 11.01 -4.16
C TYR A 6 -15.88 9.82 -4.52
N ALA A 7 -16.46 8.84 -5.19
CA ALA A 7 -15.73 7.65 -5.59
C ALA A 7 -14.40 8.09 -6.19
N ASP A 8 -14.50 8.82 -7.30
CA ASP A 8 -13.34 9.32 -8.01
C ASP A 8 -12.37 10.13 -7.12
N LEU A 9 -12.87 11.17 -6.46
CA LEU A 9 -12.02 11.99 -5.59
C LEU A 9 -11.08 11.17 -4.73
N ILE A 10 -11.66 10.20 -4.01
CA ILE A 10 -10.87 9.34 -3.14
C ILE A 10 -9.77 8.65 -3.97
N THR A 11 -10.16 8.02 -5.06
CA THR A 11 -9.23 7.33 -5.95
C THR A 11 -8.13 8.29 -6.44
N ARG A 12 -8.43 9.58 -6.38
CA ARG A 12 -7.53 10.63 -6.85
C ARG A 12 -6.51 11.04 -5.79
N ALA A 13 -7.00 11.22 -4.56
CA ALA A 13 -6.15 11.61 -3.45
C ALA A 13 -5.11 10.53 -3.29
N ILE A 14 -5.61 9.29 -3.29
CA ILE A 14 -4.83 8.07 -3.14
C ILE A 14 -3.85 7.88 -4.33
N GLU A 15 -4.10 8.58 -5.44
CA GLU A 15 -3.24 8.51 -6.62
C GLU A 15 -1.95 9.31 -6.46
N SER A 16 -2.05 10.57 -6.04
CA SER A 16 -0.83 11.33 -5.86
C SER A 16 -0.43 11.49 -4.39
N SER A 17 0.46 10.60 -3.97
CA SER A 17 1.02 10.56 -2.62
C SER A 17 2.47 10.11 -2.81
N PRO A 18 3.38 10.50 -1.90
CA PRO A 18 4.80 10.12 -1.97
C PRO A 18 4.87 8.62 -2.23
N ASP A 19 4.06 7.90 -1.47
CA ASP A 19 3.93 6.46 -1.62
C ASP A 19 2.43 6.37 -1.74
N LYS A 20 1.94 5.40 -2.48
CA LYS A 20 0.50 5.27 -2.72
C LYS A 20 -0.53 5.32 -1.60
N ARG A 21 -0.17 4.85 -0.41
CA ARG A 21 -1.13 4.76 0.70
C ARG A 21 -1.58 5.96 1.53
N LEU A 22 -2.89 6.03 1.77
CA LEU A 22 -3.49 7.06 2.60
C LEU A 22 -4.37 6.42 3.69
N THR A 23 -4.81 7.28 4.61
CA THR A 23 -5.61 6.88 5.74
C THR A 23 -6.79 7.84 5.83
N LEU A 24 -7.90 7.37 6.38
CA LEU A 24 -9.04 8.25 6.51
C LEU A 24 -8.51 9.64 6.86
N SER A 25 -7.98 9.79 8.07
CA SER A 25 -7.43 11.08 8.50
C SER A 25 -6.70 11.78 7.35
N GLN A 26 -5.75 11.08 6.75
CA GLN A 26 -4.95 11.60 5.62
C GLN A 26 -5.84 11.90 4.42
N ILE A 27 -6.79 11.02 4.14
CA ILE A 27 -7.69 11.23 3.02
C ILE A 27 -8.48 12.47 3.40
N TYR A 28 -9.14 12.42 4.54
CA TYR A 28 -9.92 13.55 5.02
C TYR A 28 -9.11 14.85 4.83
N GLU A 29 -7.82 14.81 5.13
CA GLU A 29 -6.98 15.99 4.97
C GLU A 29 -6.96 16.45 3.52
N TRP A 30 -6.78 15.50 2.61
CA TRP A 30 -6.75 15.86 1.20
C TRP A 30 -8.01 16.66 0.92
N MET A 31 -9.15 16.03 1.10
CA MET A 31 -10.44 16.66 0.86
C MET A 31 -10.51 18.09 1.36
N VAL A 32 -10.44 18.23 2.67
CA VAL A 32 -10.53 19.52 3.33
C VAL A 32 -9.52 20.57 2.85
N ARG A 33 -8.33 20.14 2.43
CA ARG A 33 -7.31 21.09 1.97
C ARG A 33 -7.35 21.40 0.49
N CYS A 34 -7.69 20.42 -0.33
CA CYS A 34 -7.76 20.62 -1.77
C CYS A 34 -9.19 20.91 -2.23
N VAL A 35 -9.32 21.38 -3.46
CA VAL A 35 -10.60 21.75 -4.06
C VAL A 35 -11.48 22.52 -3.09
N PRO A 36 -11.61 23.83 -3.32
CA PRO A 36 -12.42 24.68 -2.45
C PRO A 36 -13.60 24.01 -1.77
N TYR A 37 -14.30 23.13 -2.48
CA TYR A 37 -15.49 22.47 -1.95
C TYR A 37 -15.51 22.10 -0.46
N PHE A 38 -14.71 21.13 -0.02
CA PHE A 38 -14.71 20.76 1.41
C PHE A 38 -13.93 21.75 2.26
N LYS A 39 -14.43 22.02 3.46
CA LYS A 39 -13.79 22.99 4.36
C LYS A 39 -13.64 22.53 5.81
N ASP A 40 -14.33 21.46 6.14
CA ASP A 40 -14.38 20.89 7.48
C ASP A 40 -13.20 20.78 8.43
N LYS A 41 -12.17 20.03 8.08
CA LYS A 41 -11.05 19.87 9.01
C LYS A 41 -9.91 20.90 8.88
N GLY A 42 -9.96 21.71 7.82
CA GLY A 42 -8.92 22.71 7.55
C GLY A 42 -8.28 23.41 8.74
N ASP A 43 -8.44 24.72 8.79
CA ASP A 43 -7.89 25.51 9.89
C ASP A 43 -8.75 25.22 11.12
N SER A 44 -10.06 25.05 10.90
CA SER A 44 -11.02 24.71 11.97
C SER A 44 -11.45 23.27 11.70
N ASN A 45 -12.56 22.79 12.27
CA ASN A 45 -12.91 21.39 11.99
C ASN A 45 -14.29 20.71 12.11
N SER A 46 -14.59 19.96 11.04
CA SER A 46 -15.75 19.09 10.88
C SER A 46 -17.21 19.46 10.58
N SER A 47 -17.63 19.17 9.36
CA SER A 47 -19.03 19.32 8.93
C SER A 47 -19.54 17.88 8.92
N ALA A 48 -20.83 17.73 8.69
CA ALA A 48 -21.51 16.44 8.70
C ALA A 48 -21.03 15.25 7.86
N GLY A 49 -22.05 14.53 7.36
CA GLY A 49 -21.94 13.30 6.58
C GLY A 49 -20.91 12.95 5.52
N TRP A 50 -20.27 13.89 4.86
CA TRP A 50 -19.30 13.50 3.85
C TRP A 50 -18.28 12.57 4.51
N LYS A 51 -18.08 12.78 5.81
CA LYS A 51 -17.17 11.97 6.62
C LYS A 51 -17.63 10.55 6.41
N ASN A 52 -18.91 10.34 6.72
CA ASN A 52 -19.55 9.04 6.64
C ASN A 52 -19.64 8.52 5.20
N SER A 53 -19.81 9.44 4.26
CA SER A 53 -19.92 9.06 2.87
C SER A 53 -18.62 8.45 2.35
N ILE A 54 -17.51 9.17 2.48
CA ILE A 54 -16.25 8.65 1.99
C ILE A 54 -16.01 7.20 2.44
N ARG A 55 -16.31 6.90 3.71
CA ARG A 55 -16.13 5.54 4.23
C ARG A 55 -16.92 4.54 3.41
N HIS A 56 -18.07 4.99 2.92
CA HIS A 56 -18.98 4.18 2.11
C HIS A 56 -18.30 3.79 0.79
N ASN A 57 -18.05 4.80 -0.04
CA ASN A 57 -17.42 4.57 -1.32
C ASN A 57 -16.24 3.59 -1.20
N LEU A 58 -15.22 3.97 -0.41
CA LEU A 58 -14.01 3.16 -0.17
C LEU A 58 -14.33 1.69 0.04
N SER A 59 -15.12 1.42 1.09
CA SER A 59 -15.43 0.06 1.40
C SER A 59 -16.27 -0.65 0.35
N LEU A 60 -17.13 0.11 -0.37
CA LEU A 60 -17.99 -0.45 -1.34
C LEU A 60 -17.50 -1.01 -2.69
N HIS A 61 -16.91 -0.27 -3.57
CA HIS A 61 -16.65 -0.76 -4.92
C HIS A 61 -15.56 -1.79 -5.13
N SER A 62 -14.69 -1.48 -6.10
CA SER A 62 -13.61 -2.37 -6.50
C SER A 62 -12.23 -1.76 -6.64
N ARG A 63 -12.12 -0.43 -6.63
CA ARG A 63 -10.78 0.16 -6.73
C ARG A 63 -10.12 0.27 -5.38
N PHE A 64 -10.87 0.23 -4.28
CA PHE A 64 -10.23 0.30 -2.98
C PHE A 64 -10.25 -0.97 -2.15
N MET A 65 -9.08 -1.25 -1.56
CA MET A 65 -8.86 -2.38 -0.69
C MET A 65 -8.13 -1.83 0.54
N ARG A 66 -8.25 -2.52 1.66
CA ARG A 66 -7.60 -2.06 2.88
C ARG A 66 -6.43 -2.96 3.29
N VAL A 67 -5.41 -2.35 3.89
CA VAL A 67 -4.23 -3.07 4.35
C VAL A 67 -3.83 -2.58 5.76
N GLN A 68 -3.64 -3.51 6.69
CA GLN A 68 -3.27 -3.16 8.05
C GLN A 68 -1.89 -3.70 8.27
N ASN A 69 -1.34 -3.39 9.43
CA ASN A 69 -0.03 -3.90 9.81
C ASN A 69 -0.34 -5.07 10.73
N GLU A 70 0.38 -6.18 10.55
CA GLU A 70 0.18 -7.37 11.35
C GLU A 70 0.43 -7.11 12.85
N GLY A 71 1.33 -6.16 13.13
CA GLY A 71 1.69 -5.81 14.49
C GLY A 71 0.63 -5.40 15.48
N THR A 72 1.09 -4.84 16.60
CA THR A 72 0.26 -4.39 17.70
C THR A 72 -0.73 -3.25 17.44
N GLY A 73 -0.38 -2.32 16.53
CA GLY A 73 -1.22 -1.15 16.28
C GLY A 73 -1.80 -0.82 14.91
N LYS A 74 -2.46 0.35 14.86
CA LYS A 74 -3.21 0.87 13.70
C LYS A 74 -2.66 1.43 12.38
N SER A 75 -2.06 0.60 11.54
CA SER A 75 -1.65 1.11 10.24
C SER A 75 -2.63 0.47 9.26
N SER A 76 -3.62 1.26 8.88
CA SER A 76 -4.62 0.81 7.92
C SER A 76 -4.49 1.79 6.78
N TRP A 77 -3.94 1.32 5.66
CA TRP A 77 -3.77 2.18 4.51
C TRP A 77 -4.80 1.78 3.49
N TRP A 78 -5.24 2.74 2.70
CA TRP A 78 -6.20 2.47 1.65
C TRP A 78 -5.43 2.47 0.36
N ILE A 79 -5.44 1.36 -0.35
CA ILE A 79 -4.77 1.30 -1.64
C ILE A 79 -5.76 0.94 -2.73
N ILE A 80 -5.28 0.89 -3.95
CA ILE A 80 -6.10 0.56 -5.09
C ILE A 80 -5.78 -0.86 -5.55
N ASN A 81 -6.74 -1.56 -6.16
CA ASN A 81 -6.53 -2.90 -6.63
C ASN A 81 -6.83 -3.15 -8.10
N PRO A 82 -6.59 -4.38 -8.64
CA PRO A 82 -6.86 -4.69 -10.04
C PRO A 82 -6.85 -3.59 -11.11
N ASP A 83 -5.77 -3.56 -11.89
CA ASP A 83 -5.63 -2.57 -12.97
C ASP A 83 -5.37 -3.26 -14.30
N GLY A 84 -4.50 -4.27 -14.28
CA GLY A 84 -4.15 -5.00 -15.51
C GLY A 84 -5.37 -5.58 -16.20
N GLY A 85 -6.19 -6.28 -15.42
CA GLY A 85 -7.42 -6.84 -15.96
C GLY A 85 -8.52 -5.88 -15.61
N LYS A 86 -9.63 -5.91 -16.34
CA LYS A 86 -10.72 -4.99 -16.06
C LYS A 86 -11.99 -5.65 -15.51
N SER A 87 -12.65 -6.43 -16.36
CA SER A 87 -13.90 -7.10 -16.03
C SER A 87 -14.09 -7.69 -14.64
N GLY A 88 -15.42 -7.59 -14.23
CA GLY A 88 -15.86 -8.11 -12.92
C GLY A 88 -17.11 -7.34 -12.34
N LYS A 89 -18.35 -7.72 -12.71
CA LYS A 89 -19.62 -7.00 -12.25
C LYS A 89 -19.55 -6.99 -10.70
N ALA A 90 -20.03 -5.89 -10.11
CA ALA A 90 -20.06 -5.80 -8.65
C ALA A 90 -21.56 -5.86 -8.32
N PRO A 91 -22.02 -6.92 -7.63
CA PRO A 91 -23.43 -7.10 -7.25
C PRO A 91 -24.13 -5.80 -7.03
N ARG A 92 -24.48 -5.38 -8.06
CA ARG A 92 -25.14 -4.09 -7.92
C ARG A 92 -26.50 -4.33 -7.24
N ARG A 93 -26.52 -4.00 -5.95
CA ARG A 93 -27.63 -4.12 -4.97
C ARG A 93 -29.11 -4.37 -5.31
N ARG A 94 -29.80 -4.88 -4.29
CA ARG A 94 -31.22 -5.20 -4.28
C ARG A 94 -31.62 -6.59 -4.79
N ALA A 95 -31.64 -7.55 -3.89
CA ALA A 95 -32.07 -8.93 -4.13
C ALA A 95 -33.17 -8.82 -3.10
N VAL A 96 -32.72 -8.81 -1.91
CA VAL A 96 -33.50 -8.41 -0.74
C VAL A 96 -33.22 -9.00 0.51
N SER A 97 -34.02 -8.52 1.51
CA SER A 97 -34.16 -8.81 2.97
C SER A 97 -34.83 -10.08 3.59
N MET C 1 27.90 -10.81 -2.13
CA MET C 1 27.29 -9.68 -1.36
C MET C 1 28.33 -8.61 -1.01
N GLY C 2 28.33 -7.51 -1.76
CA GLY C 2 29.31 -6.46 -1.52
C GLY C 2 28.83 -5.02 -1.41
N ASN C 3 29.34 -4.14 -2.28
CA ASN C 3 28.92 -2.75 -2.18
C ASN C 3 27.42 -2.57 -2.35
N LEU C 4 26.92 -2.09 -1.23
CA LEU C 4 25.54 -1.86 -0.84
C LEU C 4 24.66 -3.06 -1.06
N SER C 5 24.30 -3.58 0.11
CA SER C 5 23.56 -4.80 0.37
C SER C 5 22.09 -5.09 0.13
N TYR C 6 21.75 -6.33 0.47
CA TYR C 6 20.42 -6.89 0.39
C TYR C 6 19.37 -5.90 0.85
N ALA C 7 19.46 -5.47 2.10
CA ALA C 7 18.52 -4.49 2.62
C ALA C 7 18.47 -3.30 1.67
N ASP C 8 19.65 -2.75 1.36
CA ASP C 8 19.75 -1.62 0.45
C ASP C 8 19.20 -1.95 -0.94
N LEU C 9 19.21 -3.22 -1.30
CA LEU C 9 18.70 -3.63 -2.61
C LEU C 9 17.18 -3.54 -2.56
N ILE C 10 16.58 -4.29 -1.63
CA ILE C 10 15.12 -4.29 -1.47
C ILE C 10 14.63 -2.86 -1.71
N THR C 11 15.14 -1.97 -0.87
CA THR C 11 14.83 -0.55 -0.91
C THR C 11 14.82 0.00 -2.33
N ARG C 12 15.97 -0.15 -3.00
CA ARG C 12 16.14 0.30 -4.37
C ARG C 12 14.96 -0.21 -5.18
N ALA C 13 14.66 -1.49 -4.99
CA ALA C 13 13.57 -2.15 -5.68
C ALA C 13 12.20 -1.54 -5.40
N ILE C 14 11.79 -1.57 -4.14
CA ILE C 14 10.48 -1.07 -3.75
C ILE C 14 10.02 0.28 -4.31
N GLU C 15 10.93 1.17 -4.71
CA GLU C 15 10.47 2.43 -5.28
C GLU C 15 10.29 2.22 -6.77
N SER C 16 11.10 1.34 -7.34
CA SER C 16 11.02 1.06 -8.75
C SER C 16 9.60 0.64 -9.13
N SER C 17 8.77 0.37 -8.13
CA SER C 17 7.39 -0.07 -8.33
C SER C 17 6.40 1.06 -8.55
N PRO C 18 5.35 0.82 -9.35
CA PRO C 18 4.33 1.85 -9.62
C PRO C 18 3.58 2.35 -8.38
N ASP C 19 3.19 1.45 -7.49
CA ASP C 19 2.51 1.88 -6.29
C ASP C 19 3.33 1.65 -5.01
N LYS C 20 4.62 1.44 -5.22
CA LYS C 20 5.63 1.27 -4.16
C LYS C 20 5.46 0.24 -3.00
N ARG C 21 5.16 -1.00 -3.35
CA ARG C 21 5.01 -2.08 -2.37
C ARG C 21 5.08 -3.38 -3.17
N LEU C 22 5.43 -4.48 -2.52
CA LEU C 22 5.53 -5.75 -3.23
C LEU C 22 5.26 -6.96 -2.36
N THR C 23 5.24 -8.11 -3.01
CA THR C 23 5.06 -9.38 -2.32
C THR C 23 6.45 -9.97 -2.36
N LEU C 24 6.73 -10.92 -1.49
CA LEU C 24 8.03 -11.57 -1.46
C LEU C 24 8.44 -11.96 -2.86
N SER C 25 7.58 -12.73 -3.51
CA SER C 25 7.81 -13.24 -4.86
C SER C 25 8.26 -12.20 -5.89
N GLN C 26 7.47 -11.13 -6.12
CA GLN C 26 7.87 -10.14 -7.12
C GLN C 26 9.22 -9.52 -6.74
N ILE C 27 9.59 -9.67 -5.47
CA ILE C 27 10.86 -9.13 -5.00
C ILE C 27 11.97 -9.98 -5.64
N TYR C 28 11.95 -11.28 -5.37
CA TYR C 28 12.93 -12.19 -5.94
C TYR C 28 13.11 -11.83 -7.40
N GLU C 29 12.01 -11.92 -8.15
CA GLU C 29 11.97 -11.61 -9.57
C GLU C 29 12.70 -10.31 -9.92
N TRP C 30 12.43 -9.23 -9.19
CA TRP C 30 13.10 -7.96 -9.49
C TRP C 30 14.62 -8.06 -9.32
N MET C 31 15.03 -8.89 -8.36
CA MET C 31 16.46 -9.11 -8.08
C MET C 31 17.16 -9.81 -9.24
N VAL C 32 16.62 -10.95 -9.64
CA VAL C 32 17.20 -11.71 -10.73
C VAL C 32 17.38 -10.79 -11.93
N ARG C 33 16.59 -9.72 -11.95
CA ARG C 33 16.63 -8.73 -13.04
C ARG C 33 17.77 -7.73 -12.90
N CYS C 34 17.89 -7.10 -11.73
CA CYS C 34 18.92 -6.08 -11.51
C CYS C 34 20.14 -6.51 -10.70
N VAL C 35 20.05 -7.62 -9.98
CA VAL C 35 21.17 -8.05 -9.17
C VAL C 35 22.33 -8.62 -9.95
N PRO C 36 23.56 -8.28 -9.52
CA PRO C 36 24.78 -8.77 -10.19
C PRO C 36 24.84 -10.29 -10.12
N TYR C 37 24.96 -10.79 -8.90
CA TYR C 37 25.06 -12.21 -8.60
C TYR C 37 24.19 -13.24 -9.31
N PHE C 38 22.87 -13.08 -9.25
CA PHE C 38 21.97 -14.06 -9.82
C PHE C 38 21.77 -14.07 -11.33
N LYS C 39 21.77 -15.27 -11.92
CA LYS C 39 21.45 -15.36 -13.34
C LYS C 39 20.12 -16.09 -13.44
N ASP C 40 19.28 -15.47 -14.24
CA ASP C 40 17.90 -15.80 -14.50
C ASP C 40 17.09 -17.05 -14.77
N LYS C 41 15.86 -16.82 -14.35
CA LYS C 41 14.65 -17.61 -14.44
C LYS C 41 14.40 -19.11 -14.30
N GLY C 42 13.77 -19.44 -13.19
CA GLY C 42 13.31 -20.80 -12.87
C GLY C 42 13.32 -21.10 -11.38
N ASP C 43 12.81 -22.27 -10.96
CA ASP C 43 13.01 -22.72 -9.57
C ASP C 43 12.38 -23.97 -8.91
N SER C 44 13.27 -24.44 -8.00
CA SER C 44 13.24 -25.57 -7.00
C SER C 44 14.67 -26.00 -6.55
N ASN C 45 15.48 -26.53 -7.46
CA ASN C 45 16.87 -26.98 -7.18
C ASN C 45 17.76 -25.94 -7.76
N SER C 46 17.06 -25.11 -8.49
CA SER C 46 17.62 -24.18 -9.37
C SER C 46 18.69 -23.21 -8.96
N SER C 47 19.04 -22.98 -7.76
CA SER C 47 19.72 -22.16 -6.80
C SER C 47 18.96 -20.99 -6.12
N ALA C 48 18.50 -21.38 -4.94
CA ALA C 48 17.70 -20.47 -4.05
C ALA C 48 18.31 -20.59 -2.65
N GLY C 49 18.65 -19.46 -2.05
CA GLY C 49 19.25 -19.47 -0.73
C GLY C 49 19.48 -18.02 -0.38
N TRP C 50 19.90 -17.26 -1.38
CA TRP C 50 20.09 -15.85 -1.18
C TRP C 50 18.77 -15.39 -0.59
N LYS C 51 17.66 -15.78 -1.21
CA LYS C 51 16.33 -15.40 -0.75
C LYS C 51 16.13 -15.56 0.76
N ASN C 52 16.43 -16.74 1.28
CA ASN C 52 16.31 -16.96 2.71
C ASN C 52 16.96 -15.75 3.39
N SER C 53 18.06 -15.29 2.82
CA SER C 53 18.80 -14.14 3.35
C SER C 53 17.96 -12.85 3.28
N ILE C 54 17.10 -12.72 2.26
CA ILE C 54 16.27 -11.52 2.15
C ILE C 54 14.92 -11.71 2.83
N ARG C 55 14.40 -12.94 2.81
CA ARG C 55 13.13 -13.24 3.46
C ARG C 55 13.30 -12.77 4.91
N HIS C 56 14.49 -13.07 5.44
CA HIS C 56 14.88 -12.74 6.81
C HIS C 56 15.27 -11.28 7.01
N ASN C 57 15.82 -10.66 5.98
CA ASN C 57 16.21 -9.26 6.07
C ASN C 57 14.99 -8.37 6.27
N LEU C 58 13.92 -8.72 5.57
CA LEU C 58 12.66 -7.97 5.62
C LEU C 58 11.97 -8.21 6.93
N SER C 59 12.34 -9.31 7.56
CA SER C 59 11.79 -9.69 8.84
C SER C 59 12.68 -8.95 9.81
N LEU C 60 13.96 -8.97 9.51
CA LEU C 60 14.94 -8.36 10.40
C LEU C 60 14.95 -6.88 10.62
N HIS C 61 15.25 -6.06 9.61
CA HIS C 61 15.30 -4.62 9.90
C HIS C 61 13.96 -3.91 9.83
N SER C 62 13.98 -2.64 10.23
CA SER C 62 12.79 -1.79 10.26
C SER C 62 12.38 -1.12 8.97
N ARG C 63 13.35 -0.73 8.16
CA ARG C 63 13.01 0.02 6.91
C ARG C 63 11.79 -0.64 6.35
N PHE C 64 11.68 -1.94 6.53
CA PHE C 64 10.57 -2.71 5.99
C PHE C 64 9.45 -3.13 6.94
N MET C 65 8.22 -2.94 6.46
CA MET C 65 7.00 -3.30 7.18
C MET C 65 6.18 -4.23 6.29
N ARG C 66 5.14 -4.84 6.86
CA ARG C 66 4.29 -5.72 6.08
C ARG C 66 2.84 -5.32 6.22
N VAL C 67 2.08 -5.56 5.17
CA VAL C 67 0.65 -5.24 5.18
C VAL C 67 -0.06 -6.28 4.34
N GLN C 68 -1.22 -6.71 4.78
CA GLN C 68 -1.96 -7.72 4.03
C GLN C 68 -3.42 -7.38 3.93
N ASN C 69 -4.11 -8.10 3.05
CA ASN C 69 -5.53 -7.91 2.88
C ASN C 69 -6.18 -8.90 3.84
N GLU C 70 -6.53 -8.41 5.02
CA GLU C 70 -7.14 -9.26 6.04
C GLU C 70 -8.49 -9.87 5.66
N GLY C 71 -9.06 -9.44 4.54
CA GLY C 71 -10.35 -9.97 4.10
C GLY C 71 -10.15 -11.07 3.07
N THR C 72 -10.56 -12.31 3.39
CA THR C 72 -10.38 -13.46 2.50
C THR C 72 -9.02 -13.28 1.84
N GLY C 73 -8.12 -12.64 2.59
CA GLY C 73 -6.78 -12.31 2.12
C GLY C 73 -5.81 -13.38 1.62
N LYS C 74 -5.25 -13.08 0.46
CA LYS C 74 -4.26 -13.90 -0.19
C LYS C 74 -3.11 -12.96 -0.47
N SER C 75 -3.29 -11.70 -0.09
CA SER C 75 -2.28 -10.68 -0.34
C SER C 75 -1.54 -10.02 0.82
N SER C 76 -0.23 -10.25 0.86
CA SER C 76 0.64 -9.69 1.88
C SER C 76 1.73 -8.97 1.06
N TRP C 77 1.89 -7.67 1.30
CA TRP C 77 2.88 -6.88 0.58
C TRP C 77 3.89 -6.32 1.54
N TRP C 78 5.01 -5.84 1.01
CA TRP C 78 6.03 -5.22 1.85
C TRP C 78 6.11 -3.75 1.44
N ILE C 79 6.07 -2.85 2.41
CA ILE C 79 6.16 -1.42 2.12
C ILE C 79 7.33 -0.72 2.85
N ILE C 80 7.53 0.56 2.51
CA ILE C 80 8.58 1.37 3.12
C ILE C 80 7.90 2.47 3.91
N ASN C 81 7.85 2.25 5.22
CA ASN C 81 7.24 3.14 6.19
C ASN C 81 7.98 2.70 7.45
N PRO C 82 8.02 3.52 8.52
CA PRO C 82 8.15 4.29 9.74
C PRO C 82 9.19 5.32 9.36
N ASP C 83 8.84 6.58 9.58
CA ASP C 83 9.71 7.70 9.24
C ASP C 83 10.99 7.66 10.04
N GLY C 84 10.83 7.62 11.35
CA GLY C 84 11.95 7.58 12.26
C GLY C 84 11.33 7.70 13.64
N GLY C 85 10.68 8.84 13.87
CA GLY C 85 10.02 9.10 15.14
C GLY C 85 9.32 7.88 15.72
N LYS C 86 9.84 7.40 16.84
CA LYS C 86 9.28 6.22 17.49
C LYS C 86 10.32 5.71 18.46
N SER C 87 11.56 5.65 17.98
CA SER C 87 12.64 5.22 18.84
C SER C 87 13.40 3.99 18.39
N GLY C 88 14.43 3.65 19.15
CA GLY C 88 15.22 2.49 18.84
C GLY C 88 14.87 1.41 19.83
N LYS C 89 15.27 0.17 19.55
CA LYS C 89 14.97 -0.93 20.45
C LYS C 89 15.35 -0.59 21.88
N ALA C 90 16.19 0.43 22.02
CA ALA C 90 16.64 0.86 23.32
C ALA C 90 18.09 0.45 23.50
N PRO C 91 18.92 0.95 22.59
CA PRO C 91 20.35 0.66 22.62
C PRO C 91 21.15 1.79 21.99
N ARG C 92 22.23 1.51 21.41
#